data_2NQ9
#
_entry.id   2NQ9
#
_cell.length_a   138.500
_cell.length_b   59.100
_cell.length_c   51.200
_cell.angle_alpha   90.00
_cell.angle_beta   94.00
_cell.angle_gamma   90.00
#
_symmetry.space_group_name_H-M   'C 1 2 1'
#
loop_
_entity.id
_entity.type
_entity.pdbx_description
1 polymer "5'-D(*AP*TP*AP*TP*CP*T)-3'"
2 polymer "5'-D(P*(3DR)P*AP*GP*AP*T)-3'"
3 polymer "5'-D(*AP*TP*CP*TP*GP*AP*AP*GP*TP*AP*T)-3'"
4 polymer 'Endonuclease 4'
5 non-polymer 'ZINC ION'
6 water water
#
loop_
_entity_poly.entity_id
_entity_poly.type
_entity_poly.pdbx_seq_one_letter_code
_entity_poly.pdbx_strand_id
1 'polydeoxyribonucleotide' (DA)(DT)(DA)(DT)(DC)(DT) B
2 'polydeoxyribonucleotide' (3DR)(DA)(DG)(DA)(DT) C
3 'polydeoxyribonucleotide' (DA)(DT)(DC)(DT)(DG)(DA)(DA)(DG)(DT)(DA)(DT) D
4 'polypeptide(L)'
;MKYIGAHVSAAGGLANAAIRAAEIDATAFALFTKNQRQWRAAPLTTQTIDEFKAACEKYHYTSAQILPHDSALINLGHPV
TEALEKSRDAFIDEMQRCEQLGLSLLNFHPGSHLMQISEEDCLARIAESINIALDKTQGVTAVIENTAGQGSNLGFKFEH
LAAIIDGVEDKSRVGVCIDTCHAFAAGYDLRTPAECEKTFADFARTVGFKYLRGMHLNDAKSTFGSRVDRHHSLGEGNIG
HDAFRWIMQDDRFDGIPLILETINPDIWAEEIAWLKAQQTEKAVA
;
A
#
# COMPACT_ATOMS: atom_id res chain seq x y z
N MET D 1 -4.43 -16.54 -10.51
CA MET D 1 -2.97 -16.27 -10.34
C MET D 1 -2.73 -15.15 -9.33
N LYS D 2 -1.94 -15.45 -8.30
CA LYS D 2 -1.64 -14.46 -7.28
C LYS D 2 -0.18 -14.03 -7.34
N TYR D 3 0.06 -12.75 -7.08
CA TYR D 3 1.41 -12.19 -7.09
C TYR D 3 1.79 -11.99 -5.62
N ILE D 4 2.81 -12.72 -5.18
CA ILE D 4 3.23 -12.70 -3.79
C ILE D 4 4.67 -12.22 -3.61
N GLY D 5 4.86 -11.21 -2.76
CA GLY D 5 6.20 -10.70 -2.54
C GLY D 5 6.37 -9.98 -1.22
N ALA D 6 7.29 -9.03 -1.21
CA ALA D 6 7.59 -8.26 -0.01
C ALA D 6 8.06 -6.87 -0.39
N HIS D 7 8.10 -5.98 0.60
CA HIS D 7 8.59 -4.64 0.35
C HIS D 7 10.10 -4.75 0.56
N VAL D 8 10.82 -4.91 -0.54
CA VAL D 8 12.27 -5.06 -0.49
C VAL D 8 13.01 -3.74 -0.48
N SER D 9 14.29 -3.82 -0.14
CA SER D 9 15.14 -2.63 -0.09
C SER D 9 15.54 -2.17 -1.47
N ALA D 10 15.56 -0.87 -1.67
CA ALA D 10 15.96 -0.27 -2.95
C ALA D 10 17.33 0.39 -2.77
N ALA D 11 18.02 0.02 -1.70
CA ALA D 11 19.34 0.58 -1.44
C ALA D 11 20.30 0.22 -2.56
N GLY D 12 21.09 1.20 -2.99
CA GLY D 12 22.04 0.97 -4.06
C GLY D 12 21.48 1.20 -5.45
N GLY D 13 20.17 1.36 -5.54
CA GLY D 13 19.54 1.59 -6.82
C GLY D 13 18.20 0.87 -6.91
N LEU D 14 17.26 1.45 -7.65
CA LEU D 14 15.94 0.85 -7.78
C LEU D 14 15.99 -0.55 -8.38
N ALA D 15 16.93 -0.78 -9.31
CA ALA D 15 17.06 -2.08 -9.94
C ALA D 15 17.33 -3.18 -8.90
N ASN D 16 18.05 -2.82 -7.84
CA ASN D 16 18.37 -3.75 -6.78
C ASN D 16 17.11 -4.30 -6.11
N ALA D 17 16.02 -3.52 -6.15
CA ALA D 17 14.77 -3.98 -5.55
C ALA D 17 14.28 -5.20 -6.31
N ALA D 18 14.32 -5.13 -7.64
CA ALA D 18 13.87 -6.24 -8.47
C ALA D 18 14.78 -7.45 -8.27
N ILE D 19 16.08 -7.19 -8.14
CA ILE D 19 17.06 -8.25 -7.94
C ILE D 19 16.81 -8.95 -6.60
N ARG D 20 16.57 -8.16 -5.56
CA ARG D 20 16.32 -8.72 -4.23
C ARG D 20 15.00 -9.50 -4.20
N ALA D 21 14.01 -9.03 -4.94
CA ALA D 21 12.72 -9.71 -4.99
C ALA D 21 12.90 -11.08 -5.64
N ALA D 22 13.69 -11.13 -6.70
CA ALA D 22 13.93 -12.39 -7.39
C ALA D 22 14.66 -13.38 -6.50
N GLU D 23 15.55 -12.86 -5.67
CA GLU D 23 16.34 -13.69 -4.76
C GLU D 23 15.46 -14.48 -3.78
N ILE D 24 14.33 -13.90 -3.38
CA ILE D 24 13.43 -14.57 -2.45
C ILE D 24 12.26 -15.24 -3.17
N ASP D 25 12.40 -15.41 -4.49
CA ASP D 25 11.37 -16.04 -5.32
C ASP D 25 10.02 -15.33 -5.28
N ALA D 26 10.05 -14.02 -5.13
CA ALA D 26 8.81 -13.24 -5.09
C ALA D 26 8.24 -13.07 -6.50
N THR D 27 6.92 -12.98 -6.59
CA THR D 27 6.26 -12.77 -7.88
C THR D 27 5.58 -11.40 -7.85
N ALA D 28 5.98 -10.60 -6.87
CA ALA D 28 5.49 -9.24 -6.69
C ALA D 28 6.44 -8.56 -5.74
N PHE D 29 6.47 -7.24 -5.75
CA PHE D 29 7.30 -6.52 -4.81
C PHE D 29 6.90 -5.07 -4.66
N ALA D 30 7.29 -4.50 -3.53
CA ALA D 30 7.01 -3.10 -3.24
C ALA D 30 8.36 -2.46 -2.96
N LEU D 31 8.42 -1.14 -3.06
CA LEU D 31 9.66 -0.42 -2.82
C LEU D 31 9.38 1.06 -2.67
N PHE D 32 10.40 1.77 -2.21
CA PHE D 32 10.37 3.22 -2.08
C PHE D 32 11.24 3.66 -3.25
N THR D 33 10.82 4.66 -4.02
CA THR D 33 11.62 5.10 -5.15
C THR D 33 12.66 6.13 -4.71
N LYS D 34 12.63 6.44 -3.42
CA LYS D 34 13.55 7.41 -2.82
C LYS D 34 13.40 7.34 -1.30
N ASN D 35 14.34 7.95 -0.59
CA ASN D 35 14.33 7.99 0.87
C ASN D 35 12.93 8.41 1.33
N GLN D 36 12.28 7.55 2.11
CA GLN D 36 10.93 7.83 2.59
C GLN D 36 10.87 8.90 3.67
N ARG D 37 12.03 9.28 4.20
CA ARG D 37 12.13 10.28 5.25
C ARG D 37 12.73 11.62 4.83
N GLN D 38 12.82 11.85 3.52
CA GLN D 38 13.35 13.11 3.01
C GLN D 38 12.40 13.70 1.99
N TRP D 39 12.26 15.02 2.01
CA TRP D 39 11.37 15.73 1.10
C TRP D 39 11.81 15.73 -0.35
N ARG D 40 13.08 16.03 -0.57
CA ARG D 40 13.62 16.13 -1.92
C ARG D 40 14.55 14.97 -2.27
N ALA D 41 14.57 14.64 -3.56
CA ALA D 41 15.42 13.58 -4.07
C ALA D 41 15.87 13.99 -5.47
N ALA D 42 17.06 13.55 -5.87
CA ALA D 42 17.57 13.90 -7.18
C ALA D 42 16.65 13.31 -8.24
N PRO D 43 16.48 14.02 -9.37
CA PRO D 43 15.60 13.53 -10.43
C PRO D 43 16.13 12.18 -10.93
N LEU D 44 15.23 11.28 -11.30
CA LEU D 44 15.66 9.99 -11.81
C LEU D 44 16.51 10.19 -13.05
N THR D 45 17.61 9.46 -13.14
CA THR D 45 18.50 9.55 -14.30
C THR D 45 18.04 8.52 -15.32
N THR D 46 18.43 8.72 -16.57
CA THR D 46 18.05 7.79 -17.62
C THR D 46 18.64 6.41 -17.32
N GLN D 47 19.80 6.39 -16.68
CA GLN D 47 20.45 5.13 -16.34
C GLN D 47 19.68 4.38 -15.26
N THR D 48 19.29 5.10 -14.20
CA THR D 48 18.54 4.48 -13.13
C THR D 48 17.24 3.90 -13.67
N ILE D 49 16.57 4.67 -14.53
CA ILE D 49 15.32 4.23 -15.13
C ILE D 49 15.52 2.99 -16.00
N ASP D 50 16.51 3.03 -16.89
CA ASP D 50 16.75 1.89 -17.77
C ASP D 50 17.16 0.63 -17.02
N GLU D 51 18.00 0.80 -15.99
CA GLU D 51 18.43 -0.35 -15.21
C GLU D 51 17.26 -0.96 -14.45
N PHE D 52 16.34 -0.12 -13.99
CA PHE D 52 15.18 -0.61 -13.28
C PHE D 52 14.29 -1.39 -14.24
N LYS D 53 13.99 -0.81 -15.39
CA LYS D 53 13.16 -1.47 -16.37
C LYS D 53 13.78 -2.77 -16.85
N ALA D 54 15.10 -2.76 -17.04
CA ALA D 54 15.81 -3.95 -17.49
C ALA D 54 15.70 -5.06 -16.44
N ALA D 55 15.84 -4.70 -15.17
CA ALA D 55 15.75 -5.68 -14.09
C ALA D 55 14.34 -6.25 -13.99
N CYS D 56 13.33 -5.39 -14.11
CA CYS D 56 11.95 -5.85 -14.03
C CYS D 56 11.67 -6.85 -15.16
N GLU D 57 12.19 -6.57 -16.35
CA GLU D 57 11.99 -7.46 -17.49
C GLU D 57 12.73 -8.77 -17.28
N LYS D 58 13.96 -8.68 -16.81
CA LYS D 58 14.80 -9.84 -16.58
C LYS D 58 14.19 -10.82 -15.59
N TYR D 59 13.57 -10.30 -14.53
CA TYR D 59 12.98 -11.14 -13.50
C TYR D 59 11.46 -11.31 -13.57
N HIS D 60 10.89 -10.88 -14.69
CA HIS D 60 9.46 -11.01 -14.94
C HIS D 60 8.51 -10.28 -13.99
N TYR D 61 8.77 -9.01 -13.76
CA TYR D 61 7.91 -8.20 -12.90
C TYR D 61 7.25 -7.12 -13.74
N THR D 62 5.99 -7.35 -14.10
CA THR D 62 5.25 -6.37 -14.89
C THR D 62 4.74 -5.32 -13.90
N SER D 63 4.27 -4.19 -14.42
CA SER D 63 3.77 -3.12 -13.56
C SER D 63 2.63 -3.57 -12.66
N ALA D 64 1.88 -4.57 -13.11
CA ALA D 64 0.75 -5.08 -12.34
C ALA D 64 1.21 -5.84 -11.09
N GLN D 65 2.50 -6.14 -11.03
CA GLN D 65 3.08 -6.88 -9.91
C GLN D 65 3.90 -6.02 -8.96
N ILE D 66 3.99 -4.72 -9.24
CA ILE D 66 4.80 -3.82 -8.42
C ILE D 66 3.96 -2.75 -7.74
N LEU D 67 4.13 -2.63 -6.42
CA LEU D 67 3.37 -1.65 -5.65
C LEU D 67 4.28 -0.68 -4.89
N PRO D 68 4.76 0.38 -5.56
CA PRO D 68 5.63 1.33 -4.86
C PRO D 68 4.84 2.04 -3.75
N HIS D 69 5.56 2.49 -2.72
CA HIS D 69 4.98 3.16 -1.58
C HIS D 69 5.53 4.59 -1.55
N ASP D 70 4.67 5.57 -1.26
CA ASP D 70 5.14 6.95 -1.22
C ASP D 70 5.81 7.28 0.10
N SER D 71 6.37 8.49 0.17
CA SER D 71 7.07 8.97 1.36
C SER D 71 6.18 9.05 2.59
N ALA D 72 6.80 8.95 3.77
CA ALA D 72 6.09 9.02 5.03
C ALA D 72 5.84 10.47 5.44
N LEU D 73 6.51 11.40 4.78
CA LEU D 73 6.38 12.83 5.08
C LEU D 73 5.12 13.47 4.50
N ILE D 74 4.62 12.90 3.43
CA ILE D 74 3.43 13.42 2.74
C ILE D 74 2.13 13.27 3.54
N ASN D 75 1.39 14.37 3.67
CA ASN D 75 0.10 14.37 4.36
C ASN D 75 -0.87 15.07 3.41
N LEU D 76 -1.58 14.28 2.61
CA LEU D 76 -2.52 14.83 1.64
C LEU D 76 -3.78 15.44 2.23
N GLY D 77 -3.89 15.42 3.56
CA GLY D 77 -5.05 16.00 4.20
C GLY D 77 -4.65 17.00 5.26
N HIS D 78 -3.41 17.48 5.16
CA HIS D 78 -2.87 18.44 6.13
C HIS D 78 -3.76 19.66 6.29
N PRO D 79 -4.02 20.06 7.55
CA PRO D 79 -4.86 21.22 7.89
C PRO D 79 -4.27 22.59 7.55
N VAL D 80 -2.95 22.66 7.41
CA VAL D 80 -2.29 23.93 7.10
C VAL D 80 -1.95 24.00 5.61
N THR D 81 -2.44 25.04 4.94
CA THR D 81 -2.23 25.23 3.51
C THR D 81 -0.79 25.03 3.02
N GLU D 82 0.16 25.70 3.65
CA GLU D 82 1.56 25.58 3.23
C GLU D 82 2.04 24.13 3.25
N ALA D 83 1.73 23.42 4.33
CA ALA D 83 2.13 22.02 4.47
C ALA D 83 1.37 21.12 3.53
N LEU D 84 0.11 21.47 3.26
CA LEU D 84 -0.72 20.68 2.34
C LEU D 84 -0.15 20.78 0.94
N GLU D 85 0.22 21.99 0.53
CA GLU D 85 0.77 22.20 -0.80
C GLU D 85 2.12 21.51 -0.96
N LYS D 86 2.92 21.52 0.10
CA LYS D 86 4.22 20.87 0.08
C LYS D 86 4.04 19.37 -0.11
N SER D 87 3.03 18.82 0.57
CA SER D 87 2.74 17.39 0.45
C SER D 87 2.22 17.06 -0.94
N ARG D 88 1.36 17.92 -1.47
CA ARG D 88 0.80 17.71 -2.79
C ARG D 88 1.87 17.74 -3.87
N ASP D 89 2.80 18.68 -3.77
CA ASP D 89 3.87 18.78 -4.75
C ASP D 89 4.70 17.50 -4.71
N ALA D 90 5.01 17.04 -3.49
CA ALA D 90 5.79 15.82 -3.31
C ALA D 90 5.06 14.60 -3.85
N PHE D 91 3.75 14.55 -3.64
CA PHE D 91 2.95 13.42 -4.11
C PHE D 91 2.94 13.40 -5.64
N ILE D 92 2.83 14.58 -6.25
CA ILE D 92 2.84 14.67 -7.70
C ILE D 92 4.17 14.10 -8.21
N ASP D 93 5.26 14.49 -7.57
CA ASP D 93 6.58 14.02 -7.97
C ASP D 93 6.67 12.50 -7.82
N GLU D 94 6.08 11.97 -6.76
CA GLU D 94 6.07 10.54 -6.50
C GLU D 94 5.38 9.82 -7.67
N MET D 95 4.23 10.36 -8.07
CA MET D 95 3.46 9.80 -9.17
C MET D 95 4.23 9.90 -10.48
N GLN D 96 4.94 11.00 -10.66
CA GLN D 96 5.71 11.21 -11.88
C GLN D 96 6.89 10.24 -11.94
N ARG D 97 7.51 9.95 -10.79
CA ARG D 97 8.62 9.01 -10.77
C ARG D 97 8.07 7.65 -11.21
N CYS D 98 6.85 7.35 -10.79
CA CYS D 98 6.22 6.08 -11.17
C CYS D 98 6.04 6.04 -12.68
N GLU D 99 5.60 7.16 -13.25
CA GLU D 99 5.41 7.28 -14.69
C GLU D 99 6.72 6.96 -15.40
N GLN D 100 7.78 7.62 -14.96
CA GLN D 100 9.11 7.45 -15.53
C GLN D 100 9.65 6.03 -15.41
N LEU D 101 9.28 5.34 -14.34
CA LEU D 101 9.75 3.97 -14.11
C LEU D 101 8.86 2.91 -14.76
N GLY D 102 7.78 3.35 -15.40
CA GLY D 102 6.88 2.40 -16.05
C GLY D 102 5.96 1.71 -15.08
N LEU D 103 5.76 2.30 -13.90
CA LEU D 103 4.89 1.72 -12.90
C LEU D 103 3.48 2.27 -13.08
N SER D 104 2.48 1.53 -12.60
CA SER D 104 1.09 1.92 -12.78
C SER D 104 0.29 2.04 -11.49
N LEU D 105 0.93 1.81 -10.36
CA LEU D 105 0.26 1.88 -9.06
C LEU D 105 1.16 2.64 -8.09
N LEU D 106 0.53 3.35 -7.16
CA LEU D 106 1.27 4.08 -6.14
C LEU D 106 0.47 3.99 -4.84
N ASN D 107 1.01 3.25 -3.88
CA ASN D 107 0.38 3.05 -2.58
C ASN D 107 0.75 4.18 -1.62
N PHE D 108 -0.24 4.71 -0.91
CA PHE D 108 0.01 5.81 0.01
C PHE D 108 -1.02 5.84 1.13
N HIS D 109 -0.63 6.39 2.28
CA HIS D 109 -1.55 6.53 3.39
C HIS D 109 -2.33 7.81 3.11
N PRO D 110 -3.63 7.83 3.40
CA PRO D 110 -4.55 8.96 3.20
C PRO D 110 -4.09 10.33 3.70
N GLY D 111 -3.89 10.42 5.01
CA GLY D 111 -3.48 11.67 5.62
C GLY D 111 -3.91 11.75 7.07
N SER D 112 -3.62 12.88 7.70
CA SER D 112 -3.94 13.09 9.11
C SER D 112 -4.50 14.50 9.34
N HIS D 113 -5.47 14.62 10.23
CA HIS D 113 -6.08 15.91 10.51
C HIS D 113 -5.38 16.71 11.61
N LEU D 114 -4.45 16.06 12.31
CA LEU D 114 -3.67 16.69 13.37
C LEU D 114 -4.53 17.42 14.41
N MET D 115 -5.78 17.01 14.55
CA MET D 115 -6.70 17.61 15.53
C MET D 115 -7.03 19.06 15.24
N GLN D 116 -6.82 19.50 14.00
CA GLN D 116 -7.09 20.88 13.64
C GLN D 116 -8.31 21.07 12.76
N ILE D 117 -8.72 20.02 12.07
CA ILE D 117 -9.89 20.09 11.19
C ILE D 117 -10.76 18.85 11.34
N SER D 118 -11.99 18.93 10.84
CA SER D 118 -12.92 17.82 10.94
C SER D 118 -12.48 16.66 10.06
N GLU D 119 -13.02 15.49 10.35
CA GLU D 119 -12.71 14.29 9.58
C GLU D 119 -13.15 14.49 8.14
N GLU D 120 -14.36 15.03 7.98
CA GLU D 120 -14.93 15.27 6.66
C GLU D 120 -14.07 16.24 5.86
N ASP D 121 -13.61 17.29 6.53
CA ASP D 121 -12.78 18.31 5.91
C ASP D 121 -11.48 17.66 5.41
N CYS D 122 -10.87 16.89 6.30
CA CYS D 122 -9.62 16.21 5.98
C CYS D 122 -9.77 15.24 4.80
N LEU D 123 -10.82 14.43 4.83
CA LEU D 123 -11.08 13.47 3.76
C LEU D 123 -11.28 14.20 2.43
N ALA D 124 -11.91 15.37 2.48
CA ALA D 124 -12.15 16.16 1.28
C ALA D 124 -10.82 16.65 0.71
N ARG D 125 -9.93 17.08 1.59
CA ARG D 125 -8.62 17.56 1.17
C ARG D 125 -7.85 16.43 0.49
N ILE D 126 -7.96 15.23 1.05
CA ILE D 126 -7.28 14.07 0.50
C ILE D 126 -7.79 13.76 -0.91
N ALA D 127 -9.10 13.77 -1.08
CA ALA D 127 -9.70 13.51 -2.38
C ALA D 127 -9.20 14.55 -3.38
N GLU D 128 -9.15 15.81 -2.95
CA GLU D 128 -8.68 16.87 -3.83
C GLU D 128 -7.21 16.72 -4.17
N SER D 129 -6.42 16.25 -3.21
CA SER D 129 -4.99 16.04 -3.45
C SER D 129 -4.82 15.01 -4.55
N ILE D 130 -5.63 13.94 -4.48
CA ILE D 130 -5.58 12.89 -5.48
C ILE D 130 -6.01 13.44 -6.85
N ASN D 131 -7.08 14.22 -6.86
CA ASN D 131 -7.57 14.81 -8.11
C ASN D 131 -6.48 15.65 -8.76
N ILE D 132 -5.76 16.43 -7.94
CA ILE D 132 -4.68 17.26 -8.45
C ILE D 132 -3.55 16.43 -9.06
N ALA D 133 -3.17 15.36 -8.38
CA ALA D 133 -2.11 14.50 -8.87
C ALA D 133 -2.51 13.78 -10.15
N LEU D 134 -3.75 13.32 -10.21
CA LEU D 134 -4.24 12.61 -11.39
C LEU D 134 -4.35 13.52 -12.60
N ASP D 135 -4.55 14.82 -12.36
CA ASP D 135 -4.66 15.79 -13.44
C ASP D 135 -3.29 16.15 -14.00
N LYS D 136 -2.23 15.89 -13.23
CA LYS D 136 -0.87 16.21 -13.65
C LYS D 136 -0.09 15.01 -14.17
N THR D 137 -0.67 13.82 -14.06
CA THR D 137 0.00 12.61 -14.51
C THR D 137 -0.92 11.71 -15.34
N GLN D 138 -0.37 10.60 -15.82
CA GLN D 138 -1.12 9.65 -16.63
C GLN D 138 -0.67 8.22 -16.36
N GLY D 139 -1.61 7.29 -16.42
CA GLY D 139 -1.30 5.88 -16.23
C GLY D 139 -0.97 5.35 -14.85
N VAL D 140 -1.05 6.18 -13.82
CA VAL D 140 -0.74 5.73 -12.46
C VAL D 140 -1.98 5.83 -11.58
N THR D 141 -2.35 4.71 -10.96
CA THR D 141 -3.51 4.66 -10.08
C THR D 141 -3.09 5.00 -8.65
N ALA D 142 -3.85 5.87 -8.01
CA ALA D 142 -3.58 6.26 -6.64
C ALA D 142 -4.21 5.17 -5.77
N VAL D 143 -3.38 4.38 -5.11
CA VAL D 143 -3.85 3.29 -4.26
C VAL D 143 -3.82 3.70 -2.79
N ILE D 144 -5.00 3.90 -2.23
CA ILE D 144 -5.13 4.32 -0.83
C ILE D 144 -5.00 3.15 0.12
N GLU D 145 -4.03 3.21 1.03
CA GLU D 145 -3.84 2.14 2.01
C GLU D 145 -4.63 2.44 3.28
N ASN D 146 -5.29 1.43 3.84
CA ASN D 146 -6.01 1.65 5.08
C ASN D 146 -4.94 1.76 6.16
N THR D 147 -5.30 2.38 7.28
CA THR D 147 -4.36 2.57 8.37
C THR D 147 -4.85 1.98 9.69
N ALA D 148 -3.95 1.89 10.66
CA ALA D 148 -4.28 1.35 11.97
C ALA D 148 -5.10 2.32 12.81
N GLY D 149 -5.04 3.60 12.48
CA GLY D 149 -5.79 4.59 13.23
C GLY D 149 -5.00 5.24 14.35
N GLN D 150 -3.68 5.27 14.22
CA GLN D 150 -2.84 5.90 15.23
C GLN D 150 -3.05 7.41 15.17
N GLY D 151 -2.98 8.05 16.33
CA GLY D 151 -3.13 9.50 16.37
C GLY D 151 -4.29 10.04 15.56
N SER D 152 -3.99 10.96 14.65
CA SER D 152 -5.02 11.57 13.81
C SER D 152 -5.02 10.99 12.40
N ASN D 153 -4.37 9.85 12.21
CA ASN D 153 -4.33 9.19 10.90
C ASN D 153 -5.74 8.78 10.49
N LEU D 154 -6.15 9.12 9.28
CA LEU D 154 -7.45 8.70 8.80
C LEU D 154 -7.23 7.48 7.90
N GLY D 155 -8.32 6.87 7.48
CA GLY D 155 -8.22 5.68 6.63
C GLY D 155 -8.29 4.39 7.43
N PHE D 156 -8.64 4.47 8.70
CA PHE D 156 -8.73 3.26 9.52
C PHE D 156 -10.08 2.58 9.42
N LYS D 157 -11.06 3.30 8.86
CA LYS D 157 -12.40 2.76 8.65
C LYS D 157 -12.59 2.64 7.15
N PHE D 158 -13.20 1.55 6.70
CA PHE D 158 -13.42 1.37 5.28
C PHE D 158 -14.25 2.54 4.73
N GLU D 159 -15.12 3.10 5.58
CA GLU D 159 -15.94 4.23 5.17
C GLU D 159 -15.08 5.42 4.75
N HIS D 160 -13.92 5.57 5.38
CA HIS D 160 -13.02 6.67 5.03
C HIS D 160 -12.53 6.51 3.59
N LEU D 161 -12.16 5.28 3.26
CA LEU D 161 -11.67 4.97 1.93
C LEU D 161 -12.76 5.23 0.89
N ALA D 162 -13.98 4.81 1.20
CA ALA D 162 -15.10 5.02 0.29
C ALA D 162 -15.38 6.51 0.10
N ALA D 163 -15.27 7.29 1.17
CA ALA D 163 -15.51 8.73 1.10
C ALA D 163 -14.49 9.42 0.21
N ILE D 164 -13.23 8.99 0.29
CA ILE D 164 -12.19 9.58 -0.52
C ILE D 164 -12.45 9.24 -1.99
N ILE D 165 -12.75 7.97 -2.26
CA ILE D 165 -13.02 7.53 -3.62
C ILE D 165 -14.21 8.30 -4.20
N ASP D 166 -15.22 8.54 -3.37
CA ASP D 166 -16.40 9.27 -3.81
C ASP D 166 -16.04 10.68 -4.29
N GLY D 167 -15.00 11.25 -3.68
CA GLY D 167 -14.57 12.59 -4.05
C GLY D 167 -13.59 12.66 -5.20
N VAL D 168 -13.07 11.50 -5.63
CA VAL D 168 -12.12 11.46 -6.73
C VAL D 168 -12.89 11.46 -8.04
N GLU D 169 -12.52 12.37 -8.94
CA GLU D 169 -13.18 12.50 -10.23
C GLU D 169 -12.95 11.31 -11.16
N ASP D 170 -11.69 10.99 -11.43
CA ASP D 170 -11.36 9.88 -12.30
C ASP D 170 -11.28 8.58 -11.53
N LYS D 171 -12.42 7.91 -11.40
CA LYS D 171 -12.52 6.65 -10.67
C LYS D 171 -11.64 5.54 -11.24
N SER D 172 -11.26 5.66 -12.51
CA SER D 172 -10.43 4.65 -13.15
C SER D 172 -9.00 4.65 -12.63
N ARG D 173 -8.61 5.69 -11.90
CA ARG D 173 -7.26 5.75 -11.37
C ARG D 173 -7.16 5.90 -9.87
N VAL D 174 -8.12 5.30 -9.16
CA VAL D 174 -8.10 5.32 -7.71
C VAL D 174 -8.46 3.92 -7.24
N GLY D 175 -7.85 3.48 -6.16
CA GLY D 175 -8.12 2.16 -5.63
C GLY D 175 -7.66 2.10 -4.19
N VAL D 176 -7.64 0.90 -3.63
CA VAL D 176 -7.22 0.73 -2.25
C VAL D 176 -6.35 -0.49 -2.06
N CYS D 177 -5.59 -0.47 -0.98
CA CYS D 177 -4.74 -1.58 -0.59
C CYS D 177 -5.10 -1.85 0.85
N ILE D 178 -5.40 -3.10 1.17
CA ILE D 178 -5.74 -3.43 2.54
C ILE D 178 -4.56 -4.10 3.23
N ASP D 179 -4.14 -3.49 4.34
CA ASP D 179 -3.06 -3.99 5.17
C ASP D 179 -3.77 -4.71 6.31
N THR D 180 -3.53 -6.01 6.42
CA THR D 180 -4.17 -6.83 7.45
C THR D 180 -3.85 -6.42 8.89
N CYS D 181 -2.63 -5.98 9.13
CA CYS D 181 -2.25 -5.53 10.47
C CYS D 181 -3.07 -4.28 10.80
N HIS D 182 -3.11 -3.34 9.85
CA HIS D 182 -3.85 -2.10 10.05
C HIS D 182 -5.33 -2.37 10.31
N ALA D 183 -5.93 -3.25 9.51
CA ALA D 183 -7.34 -3.57 9.66
C ALA D 183 -7.63 -4.15 11.04
N PHE D 184 -6.79 -5.10 11.46
CA PHE D 184 -6.93 -5.74 12.76
C PHE D 184 -6.79 -4.73 13.89
N ALA D 185 -5.77 -3.89 13.80
CA ALA D 185 -5.53 -2.86 14.81
C ALA D 185 -6.70 -1.88 14.86
N ALA D 186 -7.32 -1.65 13.72
CA ALA D 186 -8.44 -0.72 13.65
C ALA D 186 -9.77 -1.33 14.10
N GLY D 187 -9.79 -2.61 14.42
CA GLY D 187 -11.03 -3.22 14.88
C GLY D 187 -11.73 -4.21 13.95
N TYR D 188 -11.11 -4.54 12.83
CA TYR D 188 -11.70 -5.53 11.91
C TYR D 188 -11.03 -6.86 12.24
N ASP D 189 -11.79 -7.76 12.85
CA ASP D 189 -11.23 -9.05 13.24
C ASP D 189 -10.88 -9.94 12.05
N LEU D 190 -9.79 -10.69 12.20
CA LEU D 190 -9.29 -11.61 11.16
C LEU D 190 -8.76 -12.89 11.78
N ARG D 191 -9.04 -13.12 13.06
CA ARG D 191 -8.51 -14.29 13.75
C ARG D 191 -9.10 -15.66 13.41
N THR D 192 -10.19 -15.67 12.66
CA THR D 192 -10.80 -16.93 12.24
C THR D 192 -11.36 -16.74 10.84
N PRO D 193 -11.58 -17.84 10.12
CA PRO D 193 -12.13 -17.72 8.76
C PRO D 193 -13.46 -16.96 8.79
N ALA D 194 -14.28 -17.23 9.79
CA ALA D 194 -15.57 -16.58 9.92
C ALA D 194 -15.42 -15.07 10.06
N GLU D 195 -14.44 -14.64 10.84
CA GLU D 195 -14.21 -13.20 11.03
C GLU D 195 -13.70 -12.59 9.74
N CYS D 196 -12.90 -13.35 8.99
CA CYS D 196 -12.40 -12.84 7.71
C CYS D 196 -13.58 -12.64 6.77
N GLU D 197 -14.50 -13.60 6.76
CA GLU D 197 -15.68 -13.50 5.90
C GLU D 197 -16.45 -12.22 6.23
N LYS D 198 -16.64 -11.98 7.52
CA LYS D 198 -17.36 -10.81 7.99
C LYS D 198 -16.65 -9.51 7.62
N THR D 199 -15.36 -9.45 7.89
CA THR D 199 -14.58 -8.26 7.60
C THR D 199 -14.57 -7.92 6.12
N PHE D 200 -14.40 -8.92 5.26
CA PHE D 200 -14.37 -8.61 3.85
C PHE D 200 -15.74 -8.39 3.23
N ALA D 201 -16.79 -8.85 3.89
CA ALA D 201 -18.14 -8.58 3.39
C ALA D 201 -18.39 -7.09 3.69
N ASP D 202 -17.86 -6.64 4.83
CA ASP D 202 -17.97 -5.24 5.26
C ASP D 202 -17.25 -4.41 4.20
N PHE D 203 -16.04 -4.83 3.84
CA PHE D 203 -15.25 -4.15 2.82
C PHE D 203 -16.03 -4.10 1.51
N ALA D 204 -16.68 -5.20 1.16
CA ALA D 204 -17.46 -5.29 -0.08
C ALA D 204 -18.64 -4.31 -0.10
N ARG D 205 -19.32 -4.18 1.04
CA ARG D 205 -20.47 -3.29 1.16
C ARG D 205 -20.09 -1.82 1.17
N THR D 206 -18.95 -1.52 1.75
CA THR D 206 -18.50 -0.14 1.88
C THR D 206 -17.64 0.39 0.74
N VAL D 207 -16.58 -0.35 0.40
CA VAL D 207 -15.69 0.09 -0.67
C VAL D 207 -15.96 -0.64 -1.99
N GLY D 208 -15.99 -1.97 -1.93
CA GLY D 208 -16.22 -2.76 -3.11
C GLY D 208 -14.90 -3.31 -3.62
N PHE D 209 -14.86 -4.62 -3.89
CA PHE D 209 -13.63 -5.25 -4.38
C PHE D 209 -13.17 -4.73 -5.72
N LYS D 210 -14.05 -4.07 -6.46
CA LYS D 210 -13.65 -3.55 -7.77
C LYS D 210 -12.53 -2.53 -7.61
N TYR D 211 -12.36 -1.99 -6.40
CA TYR D 211 -11.31 -1.00 -6.14
C TYR D 211 -10.07 -1.58 -5.47
N LEU D 212 -10.07 -2.86 -5.14
CA LEU D 212 -8.91 -3.48 -4.50
C LEU D 212 -7.76 -3.60 -5.49
N ARG D 213 -6.64 -2.95 -5.17
CA ARG D 213 -5.48 -2.95 -6.04
C ARG D 213 -4.24 -3.60 -5.43
N GLY D 214 -4.33 -3.98 -4.16
CA GLY D 214 -3.21 -4.62 -3.50
C GLY D 214 -3.51 -4.98 -2.07
N MET D 215 -2.61 -5.75 -1.46
CA MET D 215 -2.75 -6.15 -0.07
C MET D 215 -1.38 -6.08 0.58
N HIS D 216 -1.34 -5.75 1.86
CA HIS D 216 -0.11 -5.79 2.62
C HIS D 216 -0.43 -6.91 3.62
N LEU D 217 0.30 -8.02 3.52
CA LEU D 217 0.07 -9.15 4.40
C LEU D 217 1.03 -9.09 5.58
N ASN D 218 0.50 -8.61 6.69
CA ASN D 218 1.26 -8.44 7.93
C ASN D 218 0.49 -9.03 9.11
N ASP D 219 1.19 -9.74 9.98
CA ASP D 219 0.51 -10.20 11.17
C ASP D 219 0.67 -8.98 12.08
N ALA D 220 0.08 -9.01 13.28
CA ALA D 220 0.15 -7.86 14.15
C ALA D 220 0.76 -8.10 15.52
N LYS D 221 1.72 -7.26 15.89
CA LYS D 221 2.33 -7.38 17.20
C LYS D 221 1.36 -6.70 18.15
N SER D 222 0.67 -5.68 17.66
CA SER D 222 -0.32 -4.95 18.45
C SER D 222 -1.59 -5.80 18.58
N THR D 223 -2.48 -5.38 19.47
CA THR D 223 -3.70 -6.14 19.70
C THR D 223 -4.95 -5.64 18.98
N PHE D 224 -5.97 -6.48 18.96
CA PHE D 224 -7.24 -6.19 18.31
C PHE D 224 -7.86 -4.87 18.73
N GLY D 225 -8.10 -3.99 17.76
CA GLY D 225 -8.71 -2.70 18.04
C GLY D 225 -7.85 -1.72 18.82
N SER D 226 -6.58 -2.04 18.99
CA SER D 226 -5.66 -1.17 19.75
C SER D 226 -5.32 0.14 19.03
N ARG D 227 -5.53 0.19 17.72
CA ARG D 227 -5.22 1.38 16.93
C ARG D 227 -3.72 1.66 17.00
N VAL D 228 -2.93 0.60 17.12
CA VAL D 228 -1.47 0.73 17.17
C VAL D 228 -0.92 -0.04 15.97
N ASP D 229 0.00 0.60 15.26
CA ASP D 229 0.61 0.03 14.06
C ASP D 229 1.95 -0.65 14.35
N ARG D 230 1.90 -1.95 14.65
CA ARG D 230 3.12 -2.71 14.91
C ARG D 230 2.97 -4.06 14.23
N HIS D 231 3.77 -4.28 13.19
CA HIS D 231 3.72 -5.51 12.41
C HIS D 231 4.39 -6.69 13.09
N HIS D 232 4.16 -7.87 12.53
CA HIS D 232 4.79 -9.09 13.04
C HIS D 232 4.84 -10.10 11.91
N SER D 233 5.70 -11.10 12.05
CA SER D 233 5.84 -12.15 11.06
C SER D 233 4.58 -13.00 11.06
N LEU D 234 4.28 -13.58 9.90
CA LEU D 234 3.07 -14.40 9.77
C LEU D 234 2.99 -15.51 10.79
N GLY D 235 1.85 -15.57 11.48
CA GLY D 235 1.63 -16.60 12.48
C GLY D 235 2.19 -16.31 13.85
N GLU D 236 3.07 -15.32 13.96
CA GLU D 236 3.68 -14.98 15.24
C GLU D 236 2.97 -13.84 15.95
N GLY D 237 2.06 -13.18 15.24
CA GLY D 237 1.33 -12.07 15.83
C GLY D 237 -0.02 -12.45 16.38
N ASN D 238 -0.84 -11.44 16.64
CA ASN D 238 -2.17 -11.65 17.21
C ASN D 238 -3.26 -12.03 16.21
N ILE D 239 -2.93 -12.01 14.92
CA ILE D 239 -3.90 -12.39 13.92
C ILE D 239 -3.84 -13.90 13.71
N GLY D 240 -2.62 -14.43 13.58
CA GLY D 240 -2.48 -15.87 13.39
C GLY D 240 -2.43 -16.25 11.92
N HIS D 241 -2.10 -17.51 11.64
CA HIS D 241 -1.97 -17.96 10.26
C HIS D 241 -3.25 -18.16 9.47
N ASP D 242 -4.37 -18.39 10.15
CA ASP D 242 -5.65 -18.63 9.46
C ASP D 242 -6.04 -17.58 8.42
N ALA D 243 -5.93 -16.31 8.80
CA ALA D 243 -6.31 -15.22 7.90
C ALA D 243 -5.53 -15.25 6.60
N PHE D 244 -4.24 -15.56 6.68
CA PHE D 244 -3.41 -15.57 5.49
C PHE D 244 -3.70 -16.75 4.59
N ARG D 245 -4.02 -17.90 5.18
CA ARG D 245 -4.36 -19.08 4.39
C ARG D 245 -5.69 -18.76 3.69
N TRP D 246 -6.60 -18.14 4.43
CA TRP D 246 -7.92 -17.79 3.89
C TRP D 246 -7.78 -16.84 2.69
N ILE D 247 -6.96 -15.81 2.83
CA ILE D 247 -6.76 -14.86 1.74
C ILE D 247 -6.18 -15.55 0.51
N MET D 248 -5.19 -16.43 0.72
CA MET D 248 -4.56 -17.12 -0.40
C MET D 248 -5.53 -18.07 -1.10
N GLN D 249 -6.60 -18.48 -0.42
CA GLN D 249 -7.56 -19.40 -1.02
C GLN D 249 -8.81 -18.70 -1.57
N ASP D 250 -8.83 -17.37 -1.50
CA ASP D 250 -9.96 -16.59 -2.01
C ASP D 250 -9.55 -15.94 -3.34
N ASP D 251 -10.29 -16.22 -4.41
CA ASP D 251 -9.96 -15.68 -5.71
C ASP D 251 -10.09 -14.17 -5.87
N ARG D 252 -10.75 -13.51 -4.92
CA ARG D 252 -10.92 -12.06 -5.01
C ARG D 252 -9.59 -11.33 -4.83
N PHE D 253 -8.57 -12.05 -4.36
CA PHE D 253 -7.26 -11.43 -4.15
C PHE D 253 -6.27 -11.80 -5.26
N ASP D 254 -6.79 -12.23 -6.40
CA ASP D 254 -5.97 -12.60 -7.54
C ASP D 254 -5.55 -11.39 -8.37
N GLY D 255 -4.43 -11.53 -9.08
CA GLY D 255 -3.94 -10.48 -9.96
C GLY D 255 -3.51 -9.15 -9.39
N ILE D 256 -3.22 -9.11 -8.10
CA ILE D 256 -2.79 -7.87 -7.46
C ILE D 256 -1.56 -8.15 -6.57
N PRO D 257 -0.75 -7.11 -6.33
CA PRO D 257 0.43 -7.33 -5.48
C PRO D 257 0.03 -7.66 -4.04
N LEU D 258 0.51 -8.78 -3.53
CA LEU D 258 0.26 -9.20 -2.14
C LEU D 258 1.65 -9.04 -1.52
N ILE D 259 1.80 -7.99 -0.72
CA ILE D 259 3.07 -7.61 -0.14
C ILE D 259 3.31 -7.83 1.35
N LEU D 260 4.37 -8.57 1.66
CA LEU D 260 4.76 -8.80 3.04
C LEU D 260 5.51 -7.58 3.55
N GLU D 261 5.17 -7.13 4.74
CA GLU D 261 5.89 -6.02 5.39
C GLU D 261 6.17 -6.52 6.80
N THR D 262 6.37 -7.84 6.89
CA THR D 262 6.65 -8.49 8.16
C THR D 262 8.02 -8.04 8.67
N ILE D 263 8.23 -8.15 9.99
CA ILE D 263 9.44 -7.66 10.63
C ILE D 263 10.77 -8.40 10.55
N ASN D 264 10.78 -9.62 10.02
CA ASN D 264 12.04 -10.35 9.89
C ASN D 264 12.26 -10.70 8.43
N PRO D 265 12.99 -9.84 7.70
CA PRO D 265 13.27 -10.05 6.28
C PRO D 265 14.01 -11.34 5.96
N ASP D 266 14.70 -11.88 6.97
CA ASP D 266 15.47 -13.10 6.78
C ASP D 266 14.61 -14.34 6.53
N ILE D 267 13.31 -14.24 6.77
CA ILE D 267 12.43 -15.38 6.53
C ILE D 267 11.38 -15.07 5.46
N TRP D 268 11.59 -13.98 4.72
CA TRP D 268 10.63 -13.61 3.69
C TRP D 268 10.51 -14.68 2.62
N ALA D 269 11.62 -15.31 2.25
CA ALA D 269 11.58 -16.36 1.25
C ALA D 269 10.68 -17.47 1.75
N GLU D 270 10.82 -17.80 3.03
CA GLU D 270 10.02 -18.86 3.64
C GLU D 270 8.55 -18.46 3.77
N GLU D 271 8.29 -17.20 4.11
CA GLU D 271 6.92 -16.73 4.24
C GLU D 271 6.24 -16.73 2.87
N ILE D 272 6.98 -16.34 1.84
CA ILE D 272 6.44 -16.33 0.48
C ILE D 272 6.13 -17.77 0.06
N ALA D 273 7.04 -18.69 0.33
CA ALA D 273 6.85 -20.09 -0.01
C ALA D 273 5.62 -20.65 0.70
N TRP D 274 5.46 -20.31 1.97
CA TRP D 274 4.32 -20.78 2.75
C TRP D 274 3.02 -20.24 2.17
N LEU D 275 2.98 -18.95 1.84
CA LEU D 275 1.78 -18.34 1.26
C LEU D 275 1.42 -19.05 -0.04
N LYS D 276 2.40 -19.28 -0.90
CA LYS D 276 2.14 -19.96 -2.17
C LYS D 276 1.56 -21.34 -1.95
N ALA D 277 2.07 -22.04 -0.94
CA ALA D 277 1.62 -23.39 -0.64
C ALA D 277 0.21 -23.44 -0.06
N GLN D 278 -0.32 -22.30 0.36
CA GLN D 278 -1.67 -22.28 0.92
C GLN D 278 -2.76 -22.20 -0.13
N GLN D 279 -2.38 -21.87 -1.37
CA GLN D 279 -3.35 -21.74 -2.45
C GLN D 279 -4.02 -23.06 -2.79
#